data_1QZ9
#
_entry.id   1QZ9
#
_cell.length_a   68.076
_cell.length_b   68.076
_cell.length_c   137.976
_cell.angle_alpha   90.00
_cell.angle_beta   90.00
_cell.angle_gamma   120.00
#
_symmetry.space_group_name_H-M   'P 31 2 1'
#
loop_
_entity.id
_entity.type
_entity.pdbx_description
1 polymer KYNURENINASE
2 non-polymer 'CHLORIDE ION'
3 non-polymer "PYRIDOXAL-5'-PHOSPHATE"
4 non-polymer 3,6,9,12,15-PENTAOXAHEPTADECANE
5 water water
#
_entity_poly.entity_id   1
_entity_poly.type   'polypeptide(L)'
_entity_poly.pdbx_seq_one_letter_code
;MTTRNDCLALDAQDSLAPLRQQFALPEGVIYLDGNSLGARPVAALARAQAVIAEEWGNGLIRSWNSAGWRDLSERLGNRL
ATLIGARDGEVVVTDTTSINLFKVLSAALRVQATRSPERRVIVTETSNFPTDLYIAEGLADMLQQGYTLRLVDSPEELPQ
AIDQDTAVVMLTHVNYKTGYMHDMQALTALSHECGALAIWDLAHSAGAVPVDLHQAGADYAIGCTYKYLNGGPGSQAFVW
VSPQLCDLVPQPLSGWFGHSRQFAMEPRYEPSNGIARYLCGTQPITSLAMVECGLDVFAQTDMASLRRKSLALTDLFIEL
VEQRCAAHELTLVTPREHAKRGSHVSFEHPEGYAVIQALIDRGVIGDYREPRIMRFGFTPLYTTFTEVWDAVQILGEILD
RKTWAQAQFQVRHSVT
;
_entity_poly.pdbx_strand_id   A
#
# COMPACT_ATOMS: atom_id res chain seq x y z
N THR A 2 20.14 -19.62 15.48
CA THR A 2 18.73 -20.08 15.33
C THR A 2 18.70 -21.39 14.58
N THR A 3 17.82 -22.30 14.99
CA THR A 3 17.65 -23.58 14.32
C THR A 3 16.23 -23.72 13.76
N ARG A 4 16.03 -24.73 12.92
CA ARG A 4 14.69 -25.08 12.43
C ARG A 4 13.74 -25.39 13.57
N ASN A 5 14.20 -26.14 14.57
CA ASN A 5 13.39 -26.41 15.77
C ASN A 5 12.98 -25.16 16.54
N ASP A 6 13.83 -24.12 16.55
CA ASP A 6 13.46 -22.84 17.17
C ASP A 6 12.29 -22.24 16.40
N CYS A 7 12.32 -22.37 15.08
CA CYS A 7 11.27 -21.84 14.22
C CYS A 7 9.95 -22.60 14.39
N LEU A 8 10.03 -23.91 14.58
CA LEU A 8 8.84 -24.73 14.81
C LEU A 8 8.17 -24.31 16.12
N ALA A 9 8.99 -23.99 17.11
CA ALA A 9 8.50 -23.52 18.41
C ALA A 9 7.85 -22.14 18.29
N LEU A 10 8.45 -21.26 17.48
CA LEU A 10 7.88 -19.94 17.29
C LEU A 10 6.47 -20.05 16.71
N ASP A 11 6.29 -20.98 15.78
CA ASP A 11 5.00 -21.24 15.15
C ASP A 11 3.99 -21.80 16.15
N ALA A 12 4.46 -22.67 17.05
CA ALA A 12 3.61 -23.24 18.09
C ALA A 12 3.10 -22.17 19.05
N GLN A 13 3.91 -21.14 19.27
CA GLN A 13 3.60 -20.05 20.19
C GLN A 13 2.87 -18.89 19.51
N ASP A 14 2.66 -19.00 18.21
CA ASP A 14 2.14 -17.92 17.40
C ASP A 14 0.63 -17.83 17.54
N SER A 15 0.16 -16.79 18.20
CA SER A 15 -1.27 -16.63 18.47
C SER A 15 -2.05 -16.26 17.21
N LEU A 16 -1.34 -15.80 16.17
CA LEU A 16 -1.91 -15.48 14.86
C LEU A 16 -2.03 -16.68 13.92
N ALA A 17 -1.49 -17.83 14.34
CA ALA A 17 -1.47 -19.04 13.52
C ALA A 17 -2.83 -19.41 12.91
N PRO A 18 -3.92 -19.36 13.68
CA PRO A 18 -5.23 -19.69 13.12
C PRO A 18 -5.67 -18.86 11.88
N LEU A 19 -5.18 -17.64 11.74
CA LEU A 19 -5.59 -16.79 10.60
C LEU A 19 -5.06 -17.28 9.25
N ARG A 20 -3.97 -18.03 9.26
CA ARG A 20 -3.44 -18.64 8.04
C ARG A 20 -4.46 -19.51 7.33
N GLN A 21 -5.30 -20.20 8.11
CA GLN A 21 -6.32 -21.10 7.57
C GLN A 21 -7.44 -20.39 6.78
N GLN A 22 -7.50 -19.07 6.91
CA GLN A 22 -8.48 -18.24 6.20
C GLN A 22 -8.02 -17.84 4.79
N PHE A 23 -6.86 -18.36 4.40
CA PHE A 23 -6.30 -18.17 3.07
C PHE A 23 -6.13 -19.52 2.38
N ALA A 24 -6.34 -19.53 1.07
CA ALA A 24 -6.15 -20.70 0.23
C ALA A 24 -4.80 -20.55 -0.49
N LEU A 25 -3.77 -21.15 0.10
CA LEU A 25 -2.42 -21.08 -0.45
C LEU A 25 -2.09 -22.35 -1.25
N PRO A 26 -1.35 -22.21 -2.34
CA PRO A 26 -0.98 -23.37 -3.17
C PRO A 26 0.07 -24.21 -2.45
N GLU A 27 -0.05 -25.52 -2.56
CA GLU A 27 0.86 -26.44 -1.90
C GLU A 27 2.28 -26.27 -2.45
N GLY A 28 3.26 -26.35 -1.56
CA GLY A 28 4.66 -26.38 -1.95
C GLY A 28 5.30 -25.01 -2.18
N VAL A 29 4.49 -23.95 -2.09
CA VAL A 29 4.98 -22.62 -2.37
C VAL A 29 5.26 -21.91 -1.04
N ILE A 30 6.39 -21.22 -0.99
CA ILE A 30 6.67 -20.31 0.09
C ILE A 30 6.55 -18.92 -0.51
N TYR A 31 5.43 -18.27 -0.24
CA TYR A 31 5.07 -17.03 -0.93
C TYR A 31 5.54 -15.81 -0.18
N LEU A 32 6.55 -15.16 -0.73
CA LEU A 32 7.16 -14.00 -0.12
C LEU A 32 6.97 -12.79 -1.04
N ASP A 33 5.81 -12.73 -1.71
CA ASP A 33 5.47 -11.59 -2.57
C ASP A 33 4.07 -11.01 -2.30
N GLY A 34 3.56 -11.20 -1.08
CA GLY A 34 2.27 -10.64 -0.68
C GLY A 34 2.25 -9.12 -0.50
N ASN A 35 3.43 -8.52 -0.60
CA ASN A 35 3.59 -7.06 -0.74
C ASN A 35 3.39 -6.53 -2.16
N SER A 36 3.21 -7.44 -3.12
CA SER A 36 3.01 -7.10 -4.51
C SER A 36 1.66 -7.64 -5.02
N LEU A 37 1.33 -8.88 -4.67
CA LEU A 37 -0.03 -9.38 -4.80
C LEU A 37 -0.35 -10.25 -3.60
N GLY A 38 -1.23 -9.76 -2.75
CA GLY A 38 -1.69 -10.52 -1.60
C GLY A 38 -2.33 -11.85 -1.97
N ALA A 39 -2.07 -12.86 -1.16
CA ALA A 39 -2.66 -14.19 -1.31
C ALA A 39 -4.18 -14.15 -1.10
N ARG A 40 -4.86 -15.20 -1.57
CA ARG A 40 -6.30 -15.21 -1.63
C ARG A 40 -7.04 -15.66 -0.35
N PRO A 41 -7.86 -14.82 0.23
CA PRO A 41 -8.76 -15.32 1.29
C PRO A 41 -9.70 -16.39 0.76
N VAL A 42 -9.93 -17.44 1.54
CA VAL A 42 -10.80 -18.53 1.14
C VAL A 42 -12.15 -17.99 0.67
N ALA A 43 -12.68 -16.99 1.38
CA ALA A 43 -14.03 -16.48 1.13
C ALA A 43 -14.22 -15.71 -0.18
N ALA A 44 -13.13 -15.28 -0.81
CA ALA A 44 -13.23 -14.49 -2.03
C ALA A 44 -13.95 -15.22 -3.15
N LEU A 45 -13.75 -16.53 -3.26
CA LEU A 45 -14.38 -17.31 -4.32
C LEU A 45 -15.90 -17.29 -4.20
N ALA A 46 -16.43 -17.62 -3.02
CA ALA A 46 -17.87 -17.68 -2.83
C ALA A 46 -18.48 -16.30 -2.93
N ARG A 47 -17.80 -15.28 -2.40
CA ARG A 47 -18.27 -13.90 -2.54
C ARG A 47 -18.44 -13.51 -4.02
N ALA A 48 -17.45 -13.80 -4.85
CA ALA A 48 -17.53 -13.47 -6.27
C ALA A 48 -18.65 -14.28 -6.93
N GLN A 49 -18.78 -15.55 -6.55
CA GLN A 49 -19.81 -16.40 -7.14
C GLN A 49 -21.19 -15.81 -6.88
N ALA A 50 -21.38 -15.22 -5.70
CA ALA A 50 -22.65 -14.59 -5.36
C ALA A 50 -22.86 -13.30 -6.14
N VAL A 51 -21.82 -12.48 -6.28
CA VAL A 51 -21.93 -11.27 -7.10
C VAL A 51 -22.33 -11.61 -8.53
N ILE A 52 -21.72 -12.64 -9.09
CA ILE A 52 -21.92 -12.98 -10.49
C ILE A 52 -23.26 -13.66 -10.71
N ALA A 53 -23.48 -14.77 -10.00
CA ALA A 53 -24.62 -15.63 -10.25
C ALA A 53 -25.91 -15.02 -9.73
N GLU A 54 -25.84 -14.34 -8.58
CA GLU A 54 -27.04 -13.86 -7.91
C GLU A 54 -27.30 -12.39 -8.14
N GLU A 55 -26.33 -11.56 -7.79
CA GLU A 55 -26.49 -10.11 -7.85
C GLU A 55 -26.61 -9.58 -9.29
N TRP A 56 -25.63 -9.93 -10.11
CA TRP A 56 -25.68 -9.61 -11.54
C TRP A 56 -26.72 -10.46 -12.25
N GLY A 57 -26.52 -11.77 -12.21
CA GLY A 57 -27.25 -12.68 -13.07
C GLY A 57 -28.76 -12.64 -12.84
N ASN A 58 -29.17 -12.67 -11.58
CA ASN A 58 -30.61 -12.64 -11.25
C ASN A 58 -31.14 -11.24 -10.94
N GLY A 59 -30.48 -10.52 -10.03
CA GLY A 59 -30.94 -9.19 -9.68
C GLY A 59 -30.84 -8.18 -10.82
N LEU A 60 -29.81 -8.31 -11.65
CA LEU A 60 -29.54 -7.37 -12.75
C LEU A 60 -29.47 -5.95 -12.20
N ILE A 61 -30.03 -4.97 -12.90
CA ILE A 61 -29.93 -3.56 -12.52
C ILE A 61 -30.53 -3.29 -11.14
N ARG A 62 -31.44 -4.15 -10.70
CA ARG A 62 -32.08 -4.00 -9.40
C ARG A 62 -31.07 -4.04 -8.26
N SER A 63 -29.97 -4.74 -8.46
CA SER A 63 -28.96 -4.93 -7.43
C SER A 63 -28.26 -3.66 -6.97
N TRP A 64 -28.33 -2.58 -7.75
CA TRP A 64 -27.81 -1.28 -7.28
C TRP A 64 -28.43 -0.94 -5.92
N ASN A 65 -29.68 -1.35 -5.73
CA ASN A 65 -30.34 -1.29 -4.43
C ASN A 65 -30.32 -2.62 -3.65
N SER A 66 -30.74 -3.71 -4.28
CA SER A 66 -31.02 -4.97 -3.57
C SER A 66 -29.77 -5.80 -3.22
N ALA A 67 -28.58 -5.37 -3.67
CA ALA A 67 -27.32 -6.01 -3.26
C ALA A 67 -26.32 -5.03 -2.61
N GLY A 68 -26.71 -3.77 -2.40
CA GLY A 68 -25.85 -2.84 -1.71
C GLY A 68 -24.77 -2.19 -2.56
N TRP A 69 -24.83 -2.36 -3.87
CA TRP A 69 -23.74 -1.85 -4.72
C TRP A 69 -23.60 -0.34 -4.61
N ARG A 70 -24.69 0.38 -4.38
CA ARG A 70 -24.64 1.84 -4.40
C ARG A 70 -23.74 2.48 -3.35
N ASP A 71 -23.54 1.81 -2.21
CA ASP A 71 -22.68 2.36 -1.16
C ASP A 71 -21.46 1.48 -0.83
N LEU A 72 -21.08 0.59 -1.74
CA LEU A 72 -19.98 -0.33 -1.49
C LEU A 72 -18.63 0.37 -1.28
N SER A 73 -18.32 1.35 -2.12
CA SER A 73 -17.07 2.11 -1.98
C SER A 73 -16.95 2.75 -0.60
N GLU A 74 -18.06 3.25 -0.06
CA GLU A 74 -18.04 3.92 1.23
C GLU A 74 -18.00 2.92 2.38
N ARG A 75 -18.77 1.83 2.30
CA ARG A 75 -18.74 0.81 3.36
C ARG A 75 -17.35 0.16 3.47
N LEU A 76 -16.76 -0.15 2.32
CA LEU A 76 -15.39 -0.67 2.31
C LEU A 76 -14.39 0.33 2.86
N GLY A 77 -14.53 1.60 2.50
CA GLY A 77 -13.70 2.65 3.05
C GLY A 77 -13.80 2.73 4.56
N ASN A 78 -15.02 2.60 5.08
CA ASN A 78 -15.26 2.63 6.52
C ASN A 78 -14.55 1.49 7.26
N ARG A 79 -14.52 0.32 6.64
CA ARG A 79 -13.82 -0.84 7.19
C ARG A 79 -12.32 -0.61 7.21
N LEU A 80 -11.79 -0.16 6.07
CA LEU A 80 -10.34 0.09 5.88
C LEU A 80 -9.84 1.16 6.83
N ALA A 81 -10.68 2.16 7.09
CA ALA A 81 -10.37 3.26 8.00
C ALA A 81 -9.86 2.80 9.35
N THR A 82 -10.38 1.67 9.83
CA THR A 82 -9.98 1.11 11.13
C THR A 82 -8.48 0.75 11.21
N LEU A 83 -7.86 0.57 10.04
CA LEU A 83 -6.46 0.15 9.96
C LEU A 83 -5.48 1.30 9.76
N ILE A 84 -5.97 2.52 9.55
CA ILE A 84 -5.10 3.67 9.23
C ILE A 84 -5.40 4.94 10.02
N GLY A 85 -6.10 4.80 11.14
CA GLY A 85 -6.41 5.92 12.00
C GLY A 85 -7.35 6.92 11.35
N ALA A 86 -8.27 6.42 10.54
CA ALA A 86 -9.32 7.26 9.96
C ALA A 86 -10.67 6.92 10.60
N ARG A 87 -11.64 7.78 10.39
CA ARG A 87 -12.97 7.66 10.98
C ARG A 87 -13.98 7.32 9.87
N ASP A 88 -15.20 6.96 10.25
CA ASP A 88 -16.30 6.79 9.29
C ASP A 88 -16.42 8.04 8.44
N GLY A 89 -16.80 7.85 7.18
CA GLY A 89 -17.08 8.94 6.26
C GLY A 89 -15.85 9.71 5.79
N GLU A 90 -14.69 9.08 5.83
CA GLU A 90 -13.42 9.72 5.47
C GLU A 90 -12.63 9.00 4.36
N VAL A 91 -12.95 7.74 4.10
CA VAL A 91 -12.23 6.89 3.15
C VAL A 91 -13.22 6.33 2.14
N VAL A 92 -12.84 6.33 0.86
CA VAL A 92 -13.55 5.54 -0.15
C VAL A 92 -12.59 4.61 -0.91
N VAL A 93 -13.08 3.43 -1.27
CA VAL A 93 -12.34 2.51 -2.13
C VAL A 93 -12.87 2.66 -3.57
N THR A 94 -12.02 3.18 -4.46
CA THR A 94 -12.38 3.47 -5.83
C THR A 94 -11.13 3.63 -6.70
N ASP A 95 -11.26 3.29 -7.97
CA ASP A 95 -10.23 3.54 -8.98
C ASP A 95 -8.89 2.87 -8.63
N THR A 96 -7.78 3.49 -9.02
CA THR A 96 -6.43 2.94 -8.76
C THR A 96 -5.58 3.99 -8.07
N THR A 97 -4.45 3.56 -7.55
CA THR A 97 -3.59 4.45 -6.78
C THR A 97 -3.12 5.63 -7.63
N SER A 98 -2.78 5.36 -8.88
CA SER A 98 -2.34 6.42 -9.81
C SER A 98 -3.42 7.49 -9.97
N ILE A 99 -4.65 7.04 -10.19
CA ILE A 99 -5.80 7.92 -10.38
C ILE A 99 -6.07 8.70 -9.10
N ASN A 100 -6.10 8.01 -7.97
CA ASN A 100 -6.41 8.68 -6.71
C ASN A 100 -5.37 9.73 -6.35
N LEU A 101 -4.10 9.45 -6.65
CA LEU A 101 -3.01 10.41 -6.45
C LEU A 101 -3.27 11.66 -7.29
N PHE A 102 -3.69 11.48 -8.53
CA PHE A 102 -4.03 12.62 -9.39
C PHE A 102 -5.12 13.46 -8.73
N LYS A 103 -6.15 12.81 -8.19
CA LYS A 103 -7.25 13.53 -7.53
C LYS A 103 -6.75 14.39 -6.36
N VAL A 104 -5.99 13.78 -5.43
CA VAL A 104 -5.56 14.50 -4.22
C VAL A 104 -4.45 15.53 -4.46
N LEU A 105 -3.57 15.26 -5.43
CA LEU A 105 -2.49 16.21 -5.76
C LEU A 105 -3.08 17.47 -6.41
N SER A 106 -4.07 17.27 -7.27
CA SER A 106 -4.83 18.35 -7.87
C SER A 106 -5.52 19.18 -6.79
N ALA A 107 -6.16 18.50 -5.83
CA ALA A 107 -6.85 19.18 -4.76
C ALA A 107 -5.88 19.99 -3.89
N ALA A 108 -4.69 19.43 -3.67
CA ALA A 108 -3.68 20.02 -2.82
C ALA A 108 -3.10 21.27 -3.45
N LEU A 109 -2.82 21.21 -4.76
CA LEU A 109 -2.25 22.34 -5.47
C LEU A 109 -3.25 23.49 -5.59
N ARG A 110 -4.52 23.16 -5.80
CA ARG A 110 -5.58 24.17 -5.86
C ARG A 110 -5.82 24.84 -4.50
N VAL A 111 -5.67 24.09 -3.41
CA VAL A 111 -5.75 24.67 -2.06
C VAL A 111 -4.59 25.64 -1.86
N GLN A 112 -3.40 25.25 -2.32
CA GLN A 112 -2.20 26.07 -2.17
C GLN A 112 -2.13 27.24 -3.16
N ALA A 113 -2.97 27.21 -4.20
CA ALA A 113 -2.99 28.30 -5.18
C ALA A 113 -3.69 29.53 -4.62
N THR A 114 -4.65 29.29 -3.73
CA THR A 114 -5.35 30.36 -3.00
C THR A 114 -4.58 30.75 -1.74
N ARG A 115 -4.21 29.75 -0.94
CA ARG A 115 -3.52 29.97 0.34
C ARG A 115 -2.17 30.67 0.14
N SER A 116 -1.32 30.06 -0.68
CA SER A 116 0.05 30.52 -0.89
C SER A 116 0.48 30.43 -2.36
N PRO A 117 -0.04 31.31 -3.21
CA PRO A 117 0.42 31.35 -4.61
C PRO A 117 1.92 31.69 -4.67
N GLU A 118 2.59 31.26 -5.74
CA GLU A 118 4.07 31.35 -5.88
C GLU A 118 4.74 30.04 -5.45
N ARG A 119 4.11 29.31 -4.53
CA ARG A 119 4.55 27.95 -4.22
C ARG A 119 4.26 27.05 -5.41
N ARG A 120 5.32 26.47 -5.98
CA ARG A 120 5.26 25.78 -7.25
C ARG A 120 6.02 24.44 -7.28
N VAL A 121 6.60 24.03 -6.15
CA VAL A 121 7.47 22.85 -6.12
C VAL A 121 6.76 21.69 -5.42
N ILE A 122 6.91 20.50 -5.99
CA ILE A 122 6.42 19.27 -5.39
C ILE A 122 7.66 18.45 -5.05
N VAL A 123 7.90 18.25 -3.76
CA VAL A 123 9.08 17.50 -3.31
C VAL A 123 8.76 16.03 -3.15
N THR A 124 9.69 15.19 -3.58
CA THR A 124 9.53 13.75 -3.49
C THR A 124 10.91 13.09 -3.60
N GLU A 125 10.96 11.77 -3.71
CA GLU A 125 12.23 11.04 -3.79
C GLU A 125 12.44 10.41 -5.17
N THR A 126 13.71 10.31 -5.54
CA THR A 126 14.12 9.70 -6.81
C THR A 126 13.72 8.23 -6.88
N SER A 127 13.76 7.55 -5.74
CA SER A 127 13.44 6.13 -5.65
C SER A 127 11.97 5.89 -5.31
N ASN A 128 11.13 6.92 -5.47
CA ASN A 128 9.68 6.74 -5.35
C ASN A 128 9.18 5.76 -6.41
N PHE A 129 8.13 5.02 -6.07
CA PHE A 129 7.48 4.13 -7.03
C PHE A 129 7.20 4.91 -8.32
N PRO A 130 7.62 4.38 -9.47
CA PRO A 130 7.57 5.13 -10.74
C PRO A 130 6.24 5.78 -11.06
N THR A 131 5.12 5.09 -10.87
CA THR A 131 3.82 5.69 -11.22
C THR A 131 3.51 6.96 -10.44
N ASP A 132 3.97 7.07 -9.20
CA ASP A 132 3.76 8.27 -8.41
C ASP A 132 4.47 9.45 -9.05
N LEU A 133 5.72 9.22 -9.47
CA LEU A 133 6.47 10.24 -10.19
C LEU A 133 5.79 10.61 -11.49
N TYR A 134 5.37 9.59 -12.26
CA TYR A 134 4.80 9.79 -13.58
C TYR A 134 3.48 10.56 -13.51
N ILE A 135 2.67 10.30 -12.50
CA ILE A 135 1.40 11.01 -12.31
C ILE A 135 1.63 12.46 -11.94
N ALA A 136 2.58 12.71 -11.05
CA ALA A 136 2.92 14.08 -10.67
C ALA A 136 3.47 14.83 -11.88
N GLU A 137 4.22 14.14 -12.73
CA GLU A 137 4.81 14.74 -13.92
C GLU A 137 3.74 15.06 -14.96
N GLY A 138 2.75 14.18 -15.08
CA GLY A 138 1.66 14.38 -16.01
C GLY A 138 0.80 15.57 -15.64
N LEU A 139 0.50 15.68 -14.35
CA LEU A 139 -0.32 16.77 -13.83
C LEU A 139 0.36 18.13 -14.02
N ALA A 140 1.63 18.21 -13.62
CA ALA A 140 2.40 19.45 -13.76
C ALA A 140 2.51 19.88 -15.21
N ASP A 141 2.73 18.89 -16.09
CA ASP A 141 2.87 19.11 -17.52
C ASP A 141 1.58 19.65 -18.15
N MET A 142 0.43 19.21 -17.64
CA MET A 142 -0.87 19.68 -18.14
C MET A 142 -1.25 21.07 -17.63
N LEU A 143 -0.87 21.39 -16.39
CA LEU A 143 -1.28 22.64 -15.76
C LEU A 143 -0.53 23.84 -16.35
N GLN A 144 0.77 23.91 -16.11
CA GLN A 144 1.61 25.05 -16.50
C GLN A 144 1.13 26.34 -15.82
N GLN A 145 1.92 26.96 -14.95
CA GLN A 145 3.27 26.55 -14.56
C GLN A 145 3.60 27.36 -13.29
N GLY A 146 4.86 27.52 -12.86
CA GLY A 146 6.03 26.77 -13.28
C GLY A 146 6.19 25.54 -12.43
N TYR A 147 5.14 24.72 -12.37
CA TYR A 147 5.13 23.58 -11.51
C TYR A 147 6.24 22.64 -11.94
N THR A 148 7.04 22.21 -10.96
CA THR A 148 8.20 21.38 -11.18
C THR A 148 8.37 20.37 -10.04
N LEU A 149 9.15 19.33 -10.31
CA LEU A 149 9.35 18.23 -9.37
C LEU A 149 10.80 18.20 -8.91
N ARG A 150 11.00 18.21 -7.60
CA ARG A 150 12.31 18.07 -6.99
C ARG A 150 12.53 16.65 -6.47
N LEU A 151 13.35 15.89 -7.17
CA LEU A 151 13.70 14.52 -6.80
C LEU A 151 14.91 14.51 -5.88
N VAL A 152 14.72 13.95 -4.69
CA VAL A 152 15.74 13.93 -3.65
C VAL A 152 16.29 12.50 -3.56
N ASP A 153 17.62 12.37 -3.48
CA ASP A 153 18.29 11.08 -3.68
C ASP A 153 18.35 10.20 -2.43
N SER A 154 18.03 10.75 -1.26
CA SER A 154 18.00 9.97 -0.02
C SER A 154 17.06 10.59 1.02
N PRO A 155 16.59 9.79 1.97
CA PRO A 155 15.69 10.28 3.03
C PRO A 155 16.22 11.43 3.89
N GLU A 156 17.54 11.50 4.07
CA GLU A 156 18.15 12.51 4.95
C GLU A 156 18.22 13.88 4.27
N GLU A 157 18.17 13.88 2.94
CA GLU A 157 18.20 15.12 2.15
C GLU A 157 16.83 15.82 2.05
N LEU A 158 15.77 15.19 2.57
CA LEU A 158 14.41 15.74 2.48
C LEU A 158 14.21 17.08 3.20
N PRO A 159 14.69 17.22 4.44
CA PRO A 159 14.54 18.48 5.19
C PRO A 159 15.07 19.75 4.48
N GLN A 160 16.17 19.63 3.76
CA GLN A 160 16.77 20.79 3.09
C GLN A 160 16.03 21.13 1.77
N ALA A 161 15.34 20.13 1.21
CA ALA A 161 14.54 20.31 -0.01
C ALA A 161 13.13 20.87 0.25
N ILE A 162 12.71 20.81 1.52
CA ILE A 162 11.42 21.33 1.93
C ILE A 162 11.60 22.74 2.49
N ASP A 163 11.06 23.73 1.79
CA ASP A 163 11.28 25.14 2.13
C ASP A 163 10.03 25.99 1.78
N GLN A 164 10.21 27.29 1.63
CA GLN A 164 9.08 28.19 1.34
C GLN A 164 8.47 28.00 -0.06
N ASP A 165 9.23 27.36 -0.97
CA ASP A 165 8.76 27.13 -2.34
C ASP A 165 7.90 25.87 -2.46
N THR A 166 7.78 25.11 -1.38
CA THR A 166 7.15 23.80 -1.43
C THR A 166 5.62 23.85 -1.29
N ALA A 167 4.91 23.72 -2.41
CA ALA A 167 3.47 23.51 -2.39
C ALA A 167 3.10 22.20 -1.68
N VAL A 168 3.76 21.12 -2.08
CA VAL A 168 3.39 19.78 -1.61
C VAL A 168 4.61 18.89 -1.42
N VAL A 169 4.63 18.14 -0.31
CA VAL A 169 5.56 17.04 -0.11
C VAL A 169 4.77 15.74 -0.35
N MET A 170 5.18 14.99 -1.37
CA MET A 170 4.50 13.79 -1.83
C MET A 170 5.46 12.61 -1.63
N LEU A 171 5.16 11.74 -0.66
CA LEU A 171 6.06 10.64 -0.34
C LEU A 171 5.33 9.33 -0.22
N THR A 172 5.98 8.25 -0.67
CA THR A 172 5.55 6.92 -0.31
C THR A 172 6.15 6.61 1.05
N HIS A 173 5.28 6.26 2.00
CA HIS A 173 5.63 6.07 3.40
C HIS A 173 6.66 4.96 3.63
N VAL A 174 6.51 3.84 2.93
CA VAL A 174 7.52 2.78 2.94
C VAL A 174 8.07 2.65 1.52
N ASN A 175 9.39 2.74 1.37
CA ASN A 175 10.03 2.70 0.06
C ASN A 175 9.84 1.33 -0.55
N TYR A 176 9.30 1.28 -1.77
CA TYR A 176 8.99 0.01 -2.44
C TYR A 176 10.21 -0.86 -2.74
N LYS A 177 11.38 -0.24 -2.87
CA LYS A 177 12.64 -0.97 -3.10
C LYS A 177 13.36 -1.36 -1.81
N THR A 178 13.75 -0.36 -1.03
CA THR A 178 14.57 -0.59 0.16
C THR A 178 13.83 -1.10 1.38
N GLY A 179 12.55 -0.80 1.46
CA GLY A 179 11.76 -1.10 2.66
C GLY A 179 11.96 -0.08 3.78
N TYR A 180 12.63 1.03 3.49
CA TYR A 180 12.82 2.12 4.46
C TYR A 180 11.48 2.76 4.78
N MET A 181 11.23 3.01 6.06
CA MET A 181 9.98 3.60 6.53
C MET A 181 10.22 5.02 7.07
N HIS A 182 9.55 6.00 6.48
CA HIS A 182 9.56 7.38 6.98
C HIS A 182 8.78 7.50 8.27
N ASP A 183 9.16 8.49 9.08
CA ASP A 183 8.41 8.89 10.26
C ASP A 183 7.32 9.85 9.76
N MET A 184 6.11 9.33 9.57
CA MET A 184 5.01 10.11 9.00
C MET A 184 4.74 11.37 9.81
N GLN A 185 4.65 11.23 11.13
CA GLN A 185 4.29 12.36 11.99
C GLN A 185 5.31 13.48 11.89
N ALA A 186 6.60 13.13 11.84
CA ALA A 186 7.69 14.09 11.89
C ALA A 186 7.86 14.81 10.55
N LEU A 187 7.69 14.08 9.45
CA LEU A 187 7.87 14.70 8.13
C LEU A 187 6.62 15.52 7.75
N THR A 188 5.48 15.15 8.31
CA THR A 188 4.26 15.92 8.16
C THR A 188 4.36 17.22 8.94
N ALA A 189 4.79 17.14 10.19
CA ALA A 189 4.97 18.33 11.02
C ALA A 189 5.93 19.29 10.36
N LEU A 190 7.01 18.75 9.79
CA LEU A 190 8.02 19.57 9.12
C LEU A 190 7.46 20.17 7.82
N SER A 191 6.61 19.43 7.11
CA SER A 191 5.99 19.97 5.89
C SER A 191 5.08 21.16 6.22
N HIS A 192 4.24 20.97 7.24
CA HIS A 192 3.37 22.05 7.76
C HIS A 192 4.12 23.25 8.31
N GLU A 193 5.23 23.00 9.00
CA GLU A 193 6.09 24.07 9.53
C GLU A 193 6.54 24.95 8.36
N CYS A 194 6.84 24.30 7.23
CA CYS A 194 7.35 24.98 6.02
C CYS A 194 6.27 25.53 5.08
N GLY A 195 5.01 25.19 5.37
CA GLY A 195 3.86 25.73 4.67
C GLY A 195 3.28 24.76 3.65
N ALA A 196 3.98 23.66 3.44
CA ALA A 196 3.54 22.64 2.49
C ALA A 196 2.46 21.72 3.08
N LEU A 197 1.64 21.19 2.17
CA LEU A 197 0.73 20.10 2.50
C LEU A 197 1.45 18.77 2.28
N ALA A 198 1.02 17.72 2.96
CA ALA A 198 1.68 16.42 2.91
C ALA A 198 0.72 15.37 2.37
N ILE A 199 1.15 14.71 1.30
CA ILE A 199 0.41 13.59 0.69
C ILE A 199 1.22 12.31 0.89
N TRP A 200 0.59 11.29 1.45
CA TRP A 200 1.28 10.03 1.72
C TRP A 200 0.68 8.88 0.93
N ASP A 201 1.53 8.19 0.15
CA ASP A 201 1.17 6.94 -0.50
C ASP A 201 1.44 5.79 0.48
N LEU A 202 0.38 5.06 0.83
CA LEU A 202 0.41 4.02 1.86
C LEU A 202 0.44 2.62 1.25
N ALA A 203 0.83 2.48 -0.02
CA ALA A 203 0.81 1.18 -0.70
C ALA A 203 1.52 0.07 0.09
N HIS A 204 2.65 0.41 0.69
CA HIS A 204 3.44 -0.55 1.49
C HIS A 204 3.33 -0.34 3.00
N SER A 205 2.24 0.31 3.40
CA SER A 205 2.00 0.70 4.79
C SER A 205 0.67 0.18 5.32
N ALA A 206 -0.42 0.47 4.62
CA ALA A 206 -1.75 0.04 5.07
C ALA A 206 -1.80 -1.47 5.06
N GLY A 207 -2.16 -2.05 6.20
CA GLY A 207 -2.16 -3.49 6.39
C GLY A 207 -0.80 -4.12 6.69
N ALA A 208 0.26 -3.32 6.68
CA ALA A 208 1.64 -3.78 6.90
C ALA A 208 2.28 -3.24 8.18
N VAL A 209 2.10 -1.95 8.45
CA VAL A 209 2.63 -1.29 9.63
C VAL A 209 1.54 -0.43 10.27
N PRO A 210 1.72 -0.05 11.54
CA PRO A 210 0.77 0.90 12.15
C PRO A 210 0.75 2.24 11.42
N VAL A 211 -0.47 2.71 11.11
CA VAL A 211 -0.72 4.02 10.52
C VAL A 211 -1.85 4.72 11.28
N ASP A 212 -1.65 6.00 11.59
CA ASP A 212 -2.68 6.82 12.23
C ASP A 212 -2.62 8.20 11.57
N LEU A 213 -3.47 8.40 10.56
CA LEU A 213 -3.46 9.60 9.74
C LEU A 213 -3.86 10.85 10.51
N HIS A 214 -4.79 10.70 11.45
CA HIS A 214 -5.20 11.83 12.27
C HIS A 214 -4.08 12.25 13.21
N GLN A 215 -3.48 11.27 13.88
CA GLN A 215 -2.40 11.55 14.82
C GLN A 215 -1.22 12.18 14.10
N ALA A 216 -0.95 11.73 12.88
CA ALA A 216 0.17 12.24 12.08
C ALA A 216 -0.06 13.66 11.54
N GLY A 217 -1.31 14.10 11.50
CA GLY A 217 -1.66 15.39 10.93
C GLY A 217 -1.65 15.40 9.41
N ALA A 218 -1.66 14.22 8.78
CA ALA A 218 -1.64 14.09 7.32
C ALA A 218 -2.77 14.85 6.63
N ASP A 219 -2.50 15.33 5.42
CA ASP A 219 -3.50 16.10 4.68
C ASP A 219 -4.31 15.26 3.70
N TYR A 220 -3.61 14.45 2.90
CA TYR A 220 -4.21 13.51 1.97
C TYR A 220 -3.43 12.21 2.03
N ALA A 221 -4.13 11.11 1.73
CA ALA A 221 -3.46 9.82 1.59
C ALA A 221 -4.12 8.98 0.51
N ILE A 222 -3.32 8.09 -0.08
CA ILE A 222 -3.81 7.08 -1.02
C ILE A 222 -3.08 5.78 -0.80
N GLY A 223 -3.65 4.70 -1.30
CA GLY A 223 -2.97 3.41 -1.22
C GLY A 223 -3.71 2.30 -1.96
N CYS A 224 -3.13 1.11 -1.94
CA CYS A 224 -3.63 -0.06 -2.67
C CYS A 224 -4.35 -1.03 -1.75
N THR A 225 -5.31 -1.78 -2.29
CA THR A 225 -5.90 -2.88 -1.53
C THR A 225 -5.40 -4.22 -1.99
N TYR A 226 -4.60 -4.30 -3.05
CA TYR A 226 -4.24 -5.62 -3.61
C TYR A 226 -2.93 -6.21 -3.09
N LYS A 227 -2.26 -5.47 -2.23
CA LYS A 227 -1.00 -5.89 -1.65
C LYS A 227 -1.29 -6.52 -0.28
N TYR A 228 -0.90 -5.86 0.82
CA TYR A 228 -1.07 -6.42 2.15
C TYR A 228 -2.55 -6.59 2.53
N LEU A 229 -3.45 -5.82 1.92
CA LEU A 229 -4.88 -5.94 2.23
C LEU A 229 -5.61 -7.09 1.51
N ASN A 230 -4.91 -7.78 0.61
CA ASN A 230 -5.39 -9.03 0.03
C ASN A 230 -6.75 -8.99 -0.67
N GLY A 231 -6.96 -7.92 -1.44
CA GLY A 231 -8.24 -7.64 -2.09
C GLY A 231 -8.48 -8.34 -3.41
N GLY A 232 -7.43 -8.97 -3.96
CA GLY A 232 -7.48 -9.61 -5.27
C GLY A 232 -6.75 -8.83 -6.35
N PRO A 233 -6.53 -9.44 -7.51
CA PRO A 233 -5.68 -8.86 -8.55
C PRO A 233 -6.25 -7.54 -9.10
N GLY A 234 -5.46 -6.48 -8.95
CA GLY A 234 -5.85 -5.15 -9.36
C GLY A 234 -7.05 -4.59 -8.63
N SER A 235 -7.34 -5.09 -7.43
CA SER A 235 -8.46 -4.59 -6.66
C SER A 235 -8.27 -3.10 -6.38
N GLN A 236 -9.39 -2.39 -6.28
CA GLN A 236 -9.42 -0.94 -6.28
C GLN A 236 -8.64 -0.30 -5.13
N ALA A 237 -8.05 0.85 -5.43
CA ALA A 237 -7.30 1.61 -4.44
C ALA A 237 -8.24 2.37 -3.50
N PHE A 238 -7.66 3.02 -2.50
CA PHE A 238 -8.43 3.88 -1.61
C PHE A 238 -7.83 5.28 -1.54
N VAL A 239 -8.64 6.20 -1.01
CA VAL A 239 -8.23 7.58 -0.82
C VAL A 239 -8.88 8.12 0.46
N TRP A 240 -8.09 8.88 1.21
CA TRP A 240 -8.49 9.51 2.44
C TRP A 240 -8.16 10.99 2.32
N VAL A 241 -9.05 11.84 2.80
CA VAL A 241 -8.78 13.27 2.85
C VAL A 241 -9.14 13.80 4.22
N SER A 242 -8.24 14.60 4.80
CA SER A 242 -8.48 15.18 6.11
C SER A 242 -9.76 16.02 6.04
N PRO A 243 -10.66 15.85 7.01
CA PRO A 243 -11.91 16.63 7.03
C PRO A 243 -11.67 18.14 6.99
N GLN A 244 -10.50 18.60 7.44
CA GLN A 244 -10.11 20.00 7.39
C GLN A 244 -10.08 20.57 5.99
N LEU A 245 -9.75 19.72 5.02
CA LEU A 245 -9.46 20.14 3.65
C LEU A 245 -10.47 19.67 2.60
N CYS A 246 -11.19 18.58 2.88
CA CYS A 246 -11.99 17.88 1.88
C CYS A 246 -12.97 18.77 1.11
N ASP A 247 -13.74 19.59 1.84
CA ASP A 247 -14.78 20.40 1.24
C ASP A 247 -14.32 21.79 0.78
N LEU A 248 -13.01 22.06 0.86
CA LEU A 248 -12.48 23.37 0.51
C LEU A 248 -12.47 23.59 -0.99
N VAL A 249 -12.19 22.53 -1.74
CA VAL A 249 -12.16 22.55 -3.20
C VAL A 249 -12.69 21.24 -3.76
N PRO A 250 -13.20 21.26 -5.00
CA PRO A 250 -13.51 20.01 -5.69
C PRO A 250 -12.22 19.40 -6.24
N GLN A 251 -12.24 18.09 -6.46
CA GLN A 251 -11.18 17.41 -7.20
C GLN A 251 -11.61 17.27 -8.67
N PRO A 252 -10.65 17.26 -9.59
CA PRO A 252 -10.94 17.46 -11.02
C PRO A 252 -11.61 16.29 -11.75
N LEU A 253 -11.44 15.07 -11.23
CA LEU A 253 -12.08 13.90 -11.82
C LEU A 253 -13.50 13.80 -11.27
N SER A 254 -14.31 14.80 -11.60
CA SER A 254 -15.61 15.02 -10.98
C SER A 254 -16.70 14.23 -11.71
N GLY A 255 -16.70 12.92 -11.52
CA GLY A 255 -17.70 12.06 -12.14
C GLY A 255 -18.96 12.00 -11.29
N TRP A 256 -20.00 11.42 -11.87
CA TRP A 256 -21.35 11.43 -11.28
C TRP A 256 -21.55 10.73 -9.95
N PHE A 257 -20.70 9.75 -9.61
CA PHE A 257 -20.85 9.06 -8.33
C PHE A 257 -20.46 9.98 -7.15
N GLY A 258 -19.73 11.04 -7.44
CA GLY A 258 -19.38 12.04 -6.45
C GLY A 258 -20.34 13.20 -6.35
N HIS A 259 -21.35 13.24 -7.22
CA HIS A 259 -22.40 14.25 -7.16
C HIS A 259 -23.19 14.10 -5.85
N SER A 260 -23.58 15.20 -5.23
CA SER A 260 -24.41 15.16 -4.03
C SER A 260 -25.64 14.28 -4.24
N ARG A 261 -25.93 13.42 -3.25
CA ARG A 261 -27.05 12.48 -3.32
C ARG A 261 -28.37 13.13 -2.90
N GLN A 262 -28.29 14.35 -2.36
CA GLN A 262 -29.46 15.06 -1.85
C GLN A 262 -30.20 15.87 -2.93
N PHE A 263 -29.58 16.05 -4.10
CA PHE A 263 -30.17 16.84 -5.18
C PHE A 263 -30.07 16.14 -6.54
N ALA A 264 -30.96 16.50 -7.45
CA ALA A 264 -31.04 15.84 -8.76
C ALA A 264 -29.80 16.16 -9.60
N MET A 265 -29.56 15.32 -10.62
CA MET A 265 -28.41 15.49 -11.49
C MET A 265 -28.74 16.41 -12.65
N GLU A 266 -28.59 17.71 -12.39
CA GLU A 266 -28.81 18.75 -13.37
C GLU A 266 -27.47 18.99 -14.09
N PRO A 267 -27.48 19.81 -15.15
CA PRO A 267 -26.25 20.05 -15.92
C PRO A 267 -25.02 20.47 -15.13
N ARG A 268 -25.20 21.15 -14.01
CA ARG A 268 -24.09 21.64 -13.19
C ARG A 268 -23.69 20.64 -12.09
N TYR A 269 -22.42 20.25 -12.08
CA TYR A 269 -21.86 19.36 -11.05
C TYR A 269 -21.97 20.05 -9.69
N GLU A 270 -22.41 19.29 -8.69
CA GLU A 270 -22.43 19.73 -7.31
C GLU A 270 -21.85 18.60 -6.48
N PRO A 271 -20.70 18.82 -5.84
CA PRO A 271 -20.01 17.74 -5.13
C PRO A 271 -20.71 17.35 -3.85
N SER A 272 -20.61 16.08 -3.48
CA SER A 272 -21.10 15.63 -2.19
C SER A 272 -20.25 16.29 -1.11
N ASN A 273 -20.87 16.57 0.03
CA ASN A 273 -20.10 16.88 1.23
C ASN A 273 -19.30 15.64 1.58
N GLY A 274 -18.05 15.85 1.96
CA GLY A 274 -17.20 14.77 2.44
C GLY A 274 -16.55 13.95 1.35
N ILE A 275 -15.95 12.84 1.78
CA ILE A 275 -15.12 11.98 0.94
C ILE A 275 -15.79 11.48 -0.34
N ALA A 276 -17.12 11.45 -0.37
CA ALA A 276 -17.82 10.89 -1.52
C ALA A 276 -17.56 11.70 -2.79
N ARG A 277 -17.17 12.96 -2.63
CA ARG A 277 -16.75 13.78 -3.76
C ARG A 277 -15.51 13.25 -4.51
N TYR A 278 -14.74 12.37 -3.87
CA TYR A 278 -13.60 11.69 -4.52
C TYR A 278 -14.00 10.43 -5.33
N LEU A 279 -15.27 10.05 -5.25
CA LEU A 279 -15.83 9.08 -6.18
C LEU A 279 -15.91 9.73 -7.58
N CYS A 280 -15.97 8.89 -8.61
CA CYS A 280 -15.98 9.37 -9.98
C CYS A 280 -17.01 8.60 -10.80
N GLY A 281 -16.63 7.43 -11.28
CA GLY A 281 -17.46 6.64 -12.16
C GLY A 281 -17.79 5.28 -11.58
N THR A 282 -18.57 4.53 -12.35
CA THR A 282 -19.03 3.20 -11.99
C THR A 282 -17.85 2.27 -11.77
N GLN A 283 -17.80 1.63 -10.60
CA GLN A 283 -16.65 0.81 -10.26
C GLN A 283 -16.89 -0.66 -10.60
N PRO A 284 -15.87 -1.32 -11.13
CA PRO A 284 -15.90 -2.79 -11.32
C PRO A 284 -16.32 -3.54 -10.06
N ILE A 285 -17.55 -4.02 -10.04
CA ILE A 285 -18.19 -4.47 -8.79
C ILE A 285 -17.67 -5.81 -8.33
N THR A 286 -17.43 -6.74 -9.25
CA THR A 286 -16.98 -8.07 -8.84
C THR A 286 -15.64 -7.96 -8.11
N SER A 287 -14.71 -7.19 -8.68
CA SER A 287 -13.40 -6.98 -8.06
C SER A 287 -13.51 -6.18 -6.76
N LEU A 288 -14.38 -5.19 -6.76
CA LEU A 288 -14.57 -4.32 -5.60
C LEU A 288 -15.10 -5.10 -4.39
N ALA A 289 -16.07 -5.99 -4.63
CA ALA A 289 -16.69 -6.76 -3.56
C ALA A 289 -15.69 -7.64 -2.81
N MET A 290 -14.70 -8.17 -3.53
CA MET A 290 -13.71 -9.06 -2.93
C MET A 290 -12.75 -8.33 -1.99
N VAL A 291 -12.64 -7.01 -2.12
CA VAL A 291 -11.86 -6.23 -1.14
C VAL A 291 -12.32 -6.54 0.28
N GLU A 292 -13.63 -6.74 0.45
CA GLU A 292 -14.19 -7.03 1.77
C GLU A 292 -13.59 -8.26 2.43
N CYS A 293 -13.39 -9.31 1.66
CA CYS A 293 -12.82 -10.56 2.18
C CYS A 293 -11.43 -10.39 2.79
N GLY A 294 -10.59 -9.58 2.14
CA GLY A 294 -9.28 -9.25 2.68
C GLY A 294 -9.36 -8.43 3.97
N LEU A 295 -10.18 -7.40 3.96
CA LEU A 295 -10.39 -6.55 5.14
C LEU A 295 -10.94 -7.33 6.33
N ASP A 296 -11.83 -8.29 6.06
CA ASP A 296 -12.44 -9.10 7.12
C ASP A 296 -11.44 -9.85 7.99
N VAL A 297 -10.34 -10.31 7.40
CA VAL A 297 -9.35 -11.05 8.19
C VAL A 297 -8.70 -10.15 9.23
N PHE A 298 -8.41 -8.90 8.85
CA PHE A 298 -7.78 -7.94 9.75
C PHE A 298 -8.65 -7.69 11.00
N ALA A 299 -9.97 -7.76 10.85
CA ALA A 299 -10.92 -7.54 11.96
C ALA A 299 -10.73 -8.52 13.14
N GLN A 300 -10.07 -9.64 12.87
CA GLN A 300 -9.84 -10.68 13.86
C GLN A 300 -8.55 -10.50 14.66
N THR A 301 -7.81 -9.44 14.36
CA THR A 301 -6.61 -9.10 15.10
C THR A 301 -6.43 -7.57 15.09
N ASP A 302 -5.21 -7.07 15.23
CA ASP A 302 -4.96 -5.64 15.13
C ASP A 302 -3.55 -5.37 14.59
N MET A 303 -3.30 -4.13 14.19
CA MET A 303 -2.05 -3.81 13.52
C MET A 303 -0.85 -3.89 14.47
N ALA A 304 -1.06 -3.70 15.77
CA ALA A 304 0.03 -3.86 16.74
C ALA A 304 0.53 -5.31 16.75
N SER A 305 -0.40 -6.26 16.83
CA SER A 305 -0.06 -7.69 16.79
C SER A 305 0.61 -8.11 15.49
N LEU A 306 0.08 -7.64 14.37
CA LEU A 306 0.68 -7.92 13.06
C LEU A 306 2.07 -7.29 12.93
N ARG A 307 2.25 -6.07 13.43
CA ARG A 307 3.55 -5.40 13.40
C ARG A 307 4.59 -6.23 14.16
N ARG A 308 4.16 -6.76 15.30
CA ARG A 308 5.01 -7.57 16.17
C ARG A 308 5.49 -8.83 15.43
N LYS A 309 4.56 -9.54 14.78
CA LYS A 309 4.94 -10.75 14.05
C LYS A 309 5.76 -10.43 12.80
N SER A 310 5.40 -9.36 12.11
CA SER A 310 6.17 -8.88 10.96
C SER A 310 7.65 -8.61 11.30
N LEU A 311 7.90 -7.92 12.41
CA LEU A 311 9.27 -7.64 12.82
C LEU A 311 10.01 -8.93 13.21
N ALA A 312 9.29 -9.84 13.85
CA ALA A 312 9.87 -11.14 14.19
C ALA A 312 10.26 -11.92 12.94
N LEU A 313 9.43 -11.82 11.88
CA LEU A 313 9.73 -12.51 10.62
C LEU A 313 10.87 -11.89 9.86
N THR A 314 10.94 -10.55 9.80
CA THR A 314 12.02 -9.92 9.05
C THR A 314 13.32 -10.02 9.81
N ASP A 315 13.25 -9.93 11.14
CA ASP A 315 14.43 -10.18 12.00
C ASP A 315 14.95 -11.59 11.72
N LEU A 316 14.04 -12.57 11.69
CA LEU A 316 14.44 -13.95 11.45
C LEU A 316 15.06 -14.16 10.06
N PHE A 317 14.45 -13.57 9.03
CA PHE A 317 14.97 -13.68 7.67
C PHE A 317 16.39 -13.11 7.56
N ILE A 318 16.60 -11.91 8.07
CA ILE A 318 17.92 -11.27 8.01
C ILE A 318 18.95 -12.14 8.75
N GLU A 319 18.58 -12.60 9.94
CA GLU A 319 19.49 -13.43 10.74
C GLU A 319 19.83 -14.74 10.06
N LEU A 320 18.82 -15.40 9.49
CA LEU A 320 19.02 -16.72 8.85
C LEU A 320 19.85 -16.61 7.58
N VAL A 321 19.61 -15.55 6.81
CA VAL A 321 20.41 -15.29 5.61
C VAL A 321 21.87 -15.10 5.99
N GLU A 322 22.15 -14.32 7.02
CA GLU A 322 23.55 -14.14 7.45
C GLU A 322 24.13 -15.45 7.98
N GLN A 323 23.32 -16.18 8.75
CA GLN A 323 23.75 -17.44 9.35
C GLN A 323 24.09 -18.48 8.30
N ARG A 324 23.30 -18.56 7.25
CA ARG A 324 23.41 -19.63 6.28
C ARG A 324 24.13 -19.22 4.98
N CYS A 325 24.03 -17.94 4.60
CA CYS A 325 24.51 -17.49 3.29
C CYS A 325 25.65 -16.47 3.37
N ALA A 326 26.30 -16.38 4.52
CA ALA A 326 27.36 -15.38 4.74
C ALA A 326 28.47 -15.47 3.70
N ALA A 327 28.83 -16.68 3.31
CA ALA A 327 29.92 -16.92 2.36
C ALA A 327 29.57 -16.59 0.90
N HIS A 328 28.50 -15.84 0.69
CA HIS A 328 28.11 -15.40 -0.65
C HIS A 328 27.97 -13.88 -0.63
N GLU A 329 27.77 -13.28 -1.80
CA GLU A 329 27.89 -11.82 -1.94
C GLU A 329 26.55 -11.11 -1.77
N LEU A 330 25.92 -11.25 -0.60
CA LEU A 330 24.67 -10.56 -0.29
C LEU A 330 24.91 -9.31 0.53
N THR A 331 24.18 -8.27 0.17
CA THR A 331 24.28 -6.96 0.79
C THR A 331 22.88 -6.53 1.22
N LEU A 332 22.67 -6.42 2.54
CA LEU A 332 21.39 -5.94 3.08
C LEU A 332 21.19 -4.47 2.71
N VAL A 333 20.04 -4.16 2.11
CA VAL A 333 19.68 -2.79 1.75
C VAL A 333 18.53 -2.22 2.60
N THR A 334 17.82 -3.09 3.31
CA THR A 334 16.75 -2.68 4.21
C THR A 334 17.33 -2.26 5.56
N PRO A 335 16.82 -1.21 6.18
CA PRO A 335 17.38 -0.77 7.48
C PRO A 335 17.30 -1.83 8.60
N ARG A 336 18.38 -1.95 9.37
CA ARG A 336 18.42 -2.82 10.54
C ARG A 336 17.50 -2.26 11.63
N GLU A 337 17.41 -0.93 11.68
CA GLU A 337 16.69 -0.22 12.73
C GLU A 337 15.17 -0.33 12.50
N HIS A 338 14.45 -0.93 13.45
CA HIS A 338 13.02 -1.22 13.28
C HIS A 338 12.15 0.00 12.99
N ALA A 339 12.44 1.14 13.59
CA ALA A 339 11.61 2.32 13.34
C ALA A 339 11.73 2.85 11.92
N LYS A 340 12.79 2.44 11.21
CA LYS A 340 12.97 2.76 9.80
C LYS A 340 12.70 1.54 8.89
N ARG A 341 12.02 0.52 9.42
CA ARG A 341 11.76 -0.69 8.65
C ARG A 341 10.27 -0.98 8.45
N GLY A 342 9.90 -1.28 7.21
CA GLY A 342 8.56 -1.76 6.89
C GLY A 342 8.46 -3.26 7.10
N SER A 343 7.74 -3.94 6.22
CA SER A 343 7.44 -5.37 6.37
C SER A 343 8.08 -6.25 5.29
N HIS A 344 9.03 -5.71 4.53
CA HIS A 344 9.83 -6.50 3.61
C HIS A 344 11.34 -6.31 3.84
N VAL A 345 12.11 -7.20 3.22
CA VAL A 345 13.58 -7.20 3.27
C VAL A 345 14.15 -7.38 1.88
N SER A 346 15.10 -6.51 1.56
CA SER A 346 15.76 -6.45 0.26
C SER A 346 17.26 -6.66 0.44
N PHE A 347 17.81 -7.57 -0.36
CA PHE A 347 19.25 -7.80 -0.45
C PHE A 347 19.70 -7.49 -1.87
N GLU A 348 20.88 -6.90 -2.04
CA GLU A 348 21.47 -6.78 -3.36
C GLU A 348 22.43 -7.93 -3.62
N HIS A 349 22.56 -8.27 -4.89
CA HIS A 349 23.40 -9.38 -5.31
C HIS A 349 23.76 -9.14 -6.78
N PRO A 350 25.01 -9.40 -7.16
CA PRO A 350 25.45 -9.12 -8.55
C PRO A 350 24.58 -9.81 -9.60
N GLU A 351 24.16 -11.05 -9.31
CA GLU A 351 23.24 -11.80 -10.17
C GLU A 351 21.86 -11.96 -9.49
N GLY A 352 21.36 -10.86 -8.92
CA GLY A 352 20.10 -10.87 -8.18
C GLY A 352 18.89 -11.37 -8.97
N TYR A 353 18.81 -10.96 -10.23
CA TYR A 353 17.72 -11.39 -11.11
C TYR A 353 17.73 -12.91 -11.26
N ALA A 354 18.90 -13.45 -11.54
CA ALA A 354 19.07 -14.88 -11.74
C ALA A 354 18.75 -15.68 -10.48
N VAL A 355 19.13 -15.17 -9.32
CA VAL A 355 18.87 -15.85 -8.05
C VAL A 355 17.37 -15.84 -7.75
N ILE A 356 16.73 -14.69 -7.94
CA ILE A 356 15.28 -14.58 -7.76
C ILE A 356 14.54 -15.58 -8.66
N GLN A 357 14.99 -15.76 -9.90
CA GLN A 357 14.29 -16.71 -10.77
C GLN A 357 14.56 -18.15 -10.35
N ALA A 358 15.77 -18.45 -9.87
CA ALA A 358 16.09 -19.79 -9.37
C ALA A 358 15.25 -20.11 -8.13
N LEU A 359 14.99 -19.09 -7.33
CA LEU A 359 14.15 -19.22 -6.15
C LEU A 359 12.70 -19.48 -6.58
N ILE A 360 12.23 -18.71 -7.54
CA ILE A 360 10.87 -18.88 -8.08
C ILE A 360 10.74 -20.30 -8.66
N ASP A 361 11.79 -20.77 -9.33
CA ASP A 361 11.82 -22.11 -9.91
C ASP A 361 11.69 -23.22 -8.86
N ARG A 362 12.00 -22.91 -7.61
CA ARG A 362 11.86 -23.85 -6.49
C ARG A 362 10.65 -23.56 -5.58
N GLY A 363 9.81 -22.64 -6.01
CA GLY A 363 8.61 -22.28 -5.28
C GLY A 363 8.77 -21.22 -4.20
N VAL A 364 9.94 -20.60 -4.09
CA VAL A 364 10.16 -19.49 -3.16
C VAL A 364 10.03 -18.18 -3.93
N ILE A 365 8.91 -17.48 -3.74
CA ILE A 365 8.53 -16.36 -4.60
C ILE A 365 8.69 -15.00 -3.92
N GLY A 366 9.78 -14.31 -4.24
CA GLY A 366 9.93 -12.89 -3.99
C GLY A 366 9.86 -12.20 -5.33
N ASP A 367 10.54 -11.05 -5.47
CA ASP A 367 10.65 -10.43 -6.79
C ASP A 367 11.97 -9.66 -6.97
N TYR A 368 12.22 -9.27 -8.20
CA TYR A 368 13.44 -8.55 -8.57
C TYR A 368 13.13 -7.09 -8.84
N ARG A 369 13.88 -6.20 -8.20
CA ARG A 369 13.79 -4.78 -8.49
C ARG A 369 15.15 -4.27 -8.98
N GLU A 370 15.15 -3.37 -9.96
CA GLU A 370 16.39 -2.83 -10.51
C GLU A 370 16.97 -1.78 -9.56
N PRO A 371 18.29 -1.70 -9.44
CA PRO A 371 19.24 -2.68 -9.98
C PRO A 371 19.70 -3.67 -8.92
N ARG A 372 19.72 -4.95 -9.28
CA ARG A 372 20.36 -6.00 -8.49
C ARG A 372 19.69 -6.34 -7.15
N ILE A 373 18.45 -5.86 -6.94
CA ILE A 373 17.74 -6.05 -5.66
C ILE A 373 16.83 -7.27 -5.68
N MET A 374 16.94 -8.07 -4.62
CA MET A 374 16.09 -9.21 -4.39
C MET A 374 15.20 -8.85 -3.20
N ARG A 375 13.89 -8.77 -3.44
CA ARG A 375 12.92 -8.29 -2.46
C ARG A 375 11.99 -9.38 -2.00
N PHE A 376 11.81 -9.48 -0.68
CA PHE A 376 11.00 -10.52 -0.03
C PHE A 376 10.05 -9.88 0.97
N GLY A 377 8.76 -10.09 0.72
CA GLY A 377 7.72 -9.55 1.58
C GLY A 377 7.28 -10.57 2.61
N PHE A 378 7.08 -10.10 3.84
CA PHE A 378 6.70 -10.94 4.96
C PHE A 378 5.35 -10.53 5.47
N THR A 379 4.39 -11.45 5.34
CA THR A 379 2.98 -11.17 5.56
C THR A 379 2.50 -11.99 6.75
N PRO A 380 2.54 -11.43 7.96
CA PRO A 380 2.23 -12.20 9.17
C PRO A 380 0.86 -12.87 9.25
N LEU A 381 -0.13 -12.42 8.49
CA LEU A 381 -1.42 -13.12 8.46
C LEU A 381 -1.32 -14.59 8.02
N TYR A 382 -0.43 -14.87 7.08
CA TYR A 382 -0.33 -16.24 6.51
C TYR A 382 1.10 -16.78 6.29
N THR A 383 2.12 -16.06 6.77
CA THR A 383 3.51 -16.52 6.70
C THR A 383 3.93 -17.12 8.05
N THR A 384 4.47 -18.34 8.04
CA THR A 384 5.01 -18.99 9.25
C THR A 384 6.52 -18.77 9.38
N PHE A 385 7.01 -18.91 10.62
CA PHE A 385 8.44 -18.82 10.88
C PHE A 385 9.21 -19.96 10.23
N THR A 386 8.63 -21.15 10.24
CA THR A 386 9.31 -22.32 9.69
C THR A 386 9.49 -22.19 8.19
N GLU A 387 8.53 -21.58 7.50
CA GLU A 387 8.69 -21.43 6.06
C GLU A 387 9.78 -20.41 5.72
N VAL A 388 10.03 -19.44 6.61
CA VAL A 388 11.19 -18.59 6.48
C VAL A 388 12.48 -19.41 6.55
N TRP A 389 12.56 -20.33 7.51
CA TRP A 389 13.73 -21.20 7.61
C TRP A 389 13.90 -22.00 6.31
N ASP A 390 12.83 -22.62 5.85
CA ASP A 390 12.89 -23.47 4.66
C ASP A 390 13.28 -22.69 3.41
N ALA A 391 12.79 -21.45 3.32
CA ALA A 391 13.12 -20.56 2.21
C ALA A 391 14.61 -20.26 2.18
N VAL A 392 15.19 -19.94 3.35
CA VAL A 392 16.61 -19.61 3.43
C VAL A 392 17.46 -20.82 3.09
N GLN A 393 17.02 -22.01 3.50
CA GLN A 393 17.76 -23.24 3.20
C GLN A 393 17.81 -23.47 1.69
N ILE A 394 16.72 -23.17 0.99
CA ILE A 394 16.67 -23.28 -0.47
C ILE A 394 17.60 -22.25 -1.10
N LEU A 395 17.60 -21.02 -0.56
CA LEU A 395 18.48 -19.97 -1.06
C LEU A 395 19.93 -20.38 -0.89
N GLY A 396 20.24 -20.95 0.27
CA GLY A 396 21.60 -21.42 0.55
C GLY A 396 22.04 -22.51 -0.40
N GLU A 397 21.15 -23.45 -0.69
CA GLU A 397 21.41 -24.53 -1.64
C GLU A 397 21.69 -23.99 -3.04
N ILE A 398 20.88 -23.02 -3.47
CA ILE A 398 21.05 -22.38 -4.77
C ILE A 398 22.40 -21.66 -4.85
N LEU A 399 22.73 -20.89 -3.83
CA LEU A 399 23.98 -20.11 -3.85
C LEU A 399 25.22 -21.01 -3.82
N ASP A 400 25.17 -22.07 -3.00
CA ASP A 400 26.28 -23.01 -2.88
C ASP A 400 26.53 -23.76 -4.19
N ARG A 401 25.44 -24.15 -4.85
CA ARG A 401 25.53 -24.96 -6.07
C ARG A 401 25.62 -24.11 -7.34
N LYS A 402 25.53 -22.79 -7.20
CA LYS A 402 25.44 -21.87 -8.33
C LYS A 402 24.34 -22.30 -9.32
N THR A 403 23.17 -22.63 -8.76
CA THR A 403 22.01 -23.03 -9.56
C THR A 403 21.50 -21.90 -10.44
N TRP A 404 21.68 -20.66 -9.98
CA TRP A 404 21.25 -19.47 -10.72
C TRP A 404 21.88 -19.41 -12.12
N ALA A 405 23.08 -19.96 -12.26
CA ALA A 405 23.76 -20.06 -13.56
C ALA A 405 23.12 -21.15 -14.42
#